data_5ISU
#
_entry.id   5ISU
#
_cell.length_a   46.637
_cell.length_b   75.160
_cell.length_c   70.517
_cell.angle_alpha   90.00
_cell.angle_beta   99.54
_cell.angle_gamma   90.00
#
_symmetry.space_group_name_H-M   'P 1 21 1'
#
loop_
_entity.id
_entity.type
_entity.pdbx_description
1 polymer 'Lmo0135 protein'
2 non-polymer 1,2-ETHANEDIOL
3 water water
#
_entity_poly.entity_id   1
_entity_poly.type   'polypeptide(L)'
_entity_poly.pdbx_seq_one_letter_code
;SNASSDKANGSGKAKDGGSLIIGVTGDPEVINPNYASDRVTLTIQQAVYAPLFWEVDGKPALAKSLDISDDNLTYTVKLK
DGLTWHDGKPLTADDVVFTVNSILDTKQNSPNRGNFVFDDKPVKVEAVDDTTVKFTLPTVAPAFENTIKTFFPIPKHIFE
GVENIEKSDKNKNPIGSGPYKFVEYKTGEYVSLERFNDYFDGKPKLDKVTFRITKDQNAANLALQNGEINLKSIQPSDRN
KVEKASAVNIITYPENRLSYATFNENQPALKSKELRQALSYALDREEIIDAAYGSDEYAKPASSFLTENTKYFTDKVETY
DQDIAKAKKLVKESGFDTSQKLTVYYLNNSKSQESIALYLQQQYKEIGVTLDLKPTDPNALSNITLDRKNADYSIALNGY
IMGNDPDAYKSLYLSDAPYNYSNYHNKDLDALWEKGAVTADDKERQEIYEKIQNTIADDAVIYPISYDNAVLALDSRYGG
QKAATPQPVTMFRDLSKLYLTE
;
_entity_poly.pdbx_strand_id   A
#
# COMPACT_ATOMS: atom_id res chain seq x y z
N LYS A 15 -1.81 -8.85 35.81
CA LYS A 15 -1.59 -9.19 34.36
C LYS A 15 -2.68 -8.54 33.47
N ASP A 16 -2.83 -7.22 33.59
CA ASP A 16 -3.83 -6.46 32.82
C ASP A 16 -3.50 -4.97 32.83
N GLY A 17 -3.83 -4.31 31.73
CA GLY A 17 -3.61 -2.88 31.59
C GLY A 17 -2.19 -2.61 31.15
N GLY A 18 -1.80 -1.35 31.26
CA GLY A 18 -0.51 -0.92 30.84
C GLY A 18 -0.67 -0.04 29.63
N SER A 19 0.41 0.67 29.30
CA SER A 19 0.42 1.60 28.22
C SER A 19 1.38 1.12 27.13
N LEU A 20 1.13 1.57 25.92
CA LEU A 20 2.00 1.30 24.77
C LEU A 20 2.20 2.62 24.05
N ILE A 21 3.46 2.94 23.76
N ILE A 21 3.45 2.96 23.77
CA ILE A 21 3.83 4.16 23.07
CA ILE A 21 3.79 4.20 23.07
C ILE A 21 4.35 3.73 21.72
C ILE A 21 4.37 3.76 21.72
N ILE A 22 3.76 4.23 20.64
CA ILE A 22 4.16 3.87 19.28
C ILE A 22 4.74 5.08 18.57
N GLY A 23 5.91 4.90 17.97
CA GLY A 23 6.60 6.00 17.29
C GLY A 23 6.16 6.11 15.84
N VAL A 24 5.75 7.30 15.43
CA VAL A 24 5.39 7.58 14.04
C VAL A 24 6.22 8.79 13.61
N THR A 25 6.31 9.02 12.30
CA THR A 25 7.19 10.07 11.78
C THR A 25 6.60 11.46 11.55
N GLY A 26 5.29 11.55 11.28
CA GLY A 26 4.66 12.85 11.03
C GLY A 26 3.28 12.97 11.65
N ASP A 27 2.63 14.11 11.40
CA ASP A 27 1.28 14.37 11.90
C ASP A 27 0.27 13.67 11.03
N PRO A 28 -0.82 13.19 11.64
CA PRO A 28 -1.84 12.60 10.81
C PRO A 28 -2.61 13.69 10.07
N GLU A 29 -3.39 13.29 9.06
CA GLU A 29 -4.24 14.22 8.33
C GLU A 29 -5.66 13.97 8.87
N VAL A 30 -6.68 13.90 8.02
CA VAL A 30 -8.04 13.67 8.52
C VAL A 30 -8.27 12.19 8.88
N ILE A 31 -8.51 11.90 10.16
CA ILE A 31 -8.74 10.52 10.63
C ILE A 31 -10.19 10.09 10.33
N ASN A 32 -10.40 9.69 9.08
CA ASN A 32 -11.71 9.29 8.57
C ASN A 32 -11.44 8.36 7.38
N PRO A 33 -11.91 7.11 7.46
CA PRO A 33 -11.63 6.12 6.41
C PRO A 33 -12.11 6.44 5.01
N ASN A 34 -13.03 7.39 4.88
CA ASN A 34 -13.47 7.81 3.54
C ASN A 34 -12.38 8.63 2.84
N TYR A 35 -11.38 9.11 3.58
CA TYR A 35 -10.32 9.95 3.00
C TYR A 35 -8.89 9.52 3.34
N ALA A 36 -8.68 8.76 4.42
CA ALA A 36 -7.33 8.38 4.83
C ALA A 36 -6.52 7.70 3.73
N SER A 37 -5.33 8.24 3.42
CA SER A 37 -4.44 7.64 2.41
C SER A 37 -2.94 7.65 2.78
N ASP A 38 -2.50 8.53 3.69
CA ASP A 38 -1.07 8.57 4.07
C ASP A 38 -0.76 7.51 5.17
N ARG A 39 0.52 7.18 5.35
CA ARG A 39 0.95 6.15 6.30
C ARG A 39 0.57 6.42 7.75
N VAL A 40 0.73 7.66 8.21
CA VAL A 40 0.44 7.98 9.60
C VAL A 40 -1.05 7.93 9.90
N THR A 41 -1.86 8.51 9.04
CA THR A 41 -3.29 8.53 9.26
C THR A 41 -3.86 7.10 9.23
N LEU A 42 -3.38 6.29 8.30
CA LEU A 42 -3.86 4.92 8.20
C LEU A 42 -3.47 4.10 9.43
N THR A 43 -2.28 4.39 9.96
CA THR A 43 -1.77 3.68 11.12
C THR A 43 -2.68 3.96 12.31
N ILE A 44 -3.08 5.23 12.46
CA ILE A 44 -3.95 5.63 13.58
C ILE A 44 -5.37 5.11 13.35
N GLN A 45 -5.83 5.19 12.11
CA GLN A 45 -7.17 4.67 11.76
C GLN A 45 -7.35 3.19 12.09
N GLN A 46 -6.30 2.40 11.89
CA GLN A 46 -6.35 0.96 12.15
C GLN A 46 -6.70 0.69 13.62
N ALA A 47 -6.28 1.58 14.50
CA ALA A 47 -6.54 1.42 15.92
C ALA A 47 -7.93 1.93 16.30
N VAL A 48 -8.44 2.91 15.59
CA VAL A 48 -9.71 3.55 15.94
C VAL A 48 -10.93 2.97 15.24
N TYR A 49 -10.75 2.52 13.99
CA TYR A 49 -11.84 1.95 13.20
C TYR A 49 -11.61 0.49 12.81
N ALA A 50 -12.67 -0.30 12.89
CA ALA A 50 -12.65 -1.68 12.47
C ALA A 50 -13.24 -1.80 11.03
N PRO A 51 -12.71 -2.75 10.21
CA PRO A 51 -13.25 -2.97 8.86
C PRO A 51 -14.34 -4.08 8.85
N LEU A 52 -15.00 -4.30 7.72
CA LEU A 52 -15.97 -5.39 7.64
C LEU A 52 -15.20 -6.72 7.70
N PHE A 53 -14.10 -6.77 6.96
CA PHE A 53 -13.22 -7.94 6.90
C PHE A 53 -11.79 -7.45 7.00
N TRP A 54 -10.90 -8.29 7.52
CA TRP A 54 -9.50 -7.93 7.62
C TRP A 54 -8.87 -8.18 6.25
N GLU A 55 -8.29 -7.14 5.67
CA GLU A 55 -7.65 -7.18 4.35
C GLU A 55 -6.54 -8.21 4.20
N VAL A 56 -5.61 -8.23 5.16
CA VAL A 56 -4.45 -9.12 5.09
C VAL A 56 -4.81 -10.60 4.83
N ASP A 57 -5.95 -11.09 5.33
CA ASP A 57 -6.35 -12.51 5.11
C ASP A 57 -7.81 -12.72 4.71
N GLY A 58 -8.57 -11.64 4.53
CA GLY A 58 -9.99 -11.78 4.17
C GLY A 58 -10.92 -12.35 5.26
N LYS A 59 -10.42 -12.45 6.49
CA LYS A 59 -11.24 -12.99 7.59
C LYS A 59 -12.28 -12.02 8.14
N PRO A 60 -13.40 -12.57 8.66
CA PRO A 60 -14.48 -11.75 9.22
C PRO A 60 -14.01 -10.86 10.34
N ALA A 61 -14.42 -9.59 10.30
CA ALA A 61 -14.10 -8.62 11.36
C ALA A 61 -15.47 -8.16 11.90
N LEU A 62 -15.93 -6.95 11.54
CA LEU A 62 -17.27 -6.54 11.96
C LEU A 62 -18.31 -7.46 11.29
N ALA A 63 -17.97 -7.94 10.09
CA ALA A 63 -18.86 -8.82 9.33
C ALA A 63 -18.68 -10.26 9.76
N LYS A 64 -19.76 -11.02 9.63
CA LYS A 64 -19.77 -12.43 9.94
C LYS A 64 -19.49 -13.21 8.65
N SER A 65 -20.03 -12.72 7.51
CA SER A 65 -19.83 -13.38 6.21
C SER A 65 -20.22 -12.53 4.99
N LEU A 66 -19.72 -12.97 3.85
CA LEU A 66 -19.97 -12.36 2.54
C LEU A 66 -20.50 -13.49 1.68
N ASP A 67 -21.52 -13.21 0.89
CA ASP A 67 -22.09 -14.21 0.01
C ASP A 67 -22.32 -13.55 -1.35
N ILE A 68 -21.84 -14.20 -2.39
CA ILE A 68 -21.94 -13.68 -3.75
C ILE A 68 -22.91 -14.56 -4.52
N SER A 69 -23.88 -13.94 -5.20
CA SER A 69 -24.87 -14.70 -5.96
C SER A 69 -24.24 -15.43 -7.15
N ASP A 70 -24.96 -16.39 -7.70
CA ASP A 70 -24.49 -17.18 -8.85
C ASP A 70 -24.21 -16.32 -10.09
N ASP A 71 -25.02 -15.30 -10.34
CA ASP A 71 -24.83 -14.40 -11.49
C ASP A 71 -23.75 -13.29 -11.24
N ASN A 72 -23.14 -13.29 -10.05
CA ASN A 72 -22.05 -12.35 -9.71
C ASN A 72 -22.43 -10.86 -9.64
N LEU A 73 -23.72 -10.56 -9.53
CA LEU A 73 -24.21 -9.18 -9.44
C LEU A 73 -24.66 -8.78 -8.05
N THR A 74 -24.92 -9.75 -7.16
CA THR A 74 -25.39 -9.44 -5.81
C THR A 74 -24.47 -9.98 -4.70
N TYR A 75 -23.93 -9.06 -3.89
CA TYR A 75 -23.06 -9.38 -2.77
C TYR A 75 -23.83 -9.10 -1.48
N THR A 76 -24.00 -10.11 -0.66
CA THR A 76 -24.72 -9.98 0.60
C THR A 76 -23.76 -10.14 1.77
N VAL A 77 -23.70 -9.10 2.62
CA VAL A 77 -22.86 -9.09 3.81
C VAL A 77 -23.72 -9.16 5.07
N LYS A 78 -23.43 -10.12 5.93
CA LYS A 78 -24.11 -10.28 7.22
C LYS A 78 -23.15 -9.75 8.29
N LEU A 79 -23.65 -8.89 9.18
CA LEU A 79 -22.84 -8.32 10.28
C LEU A 79 -23.00 -9.11 11.56
N LYS A 80 -22.06 -8.93 12.47
CA LYS A 80 -22.17 -9.54 13.79
C LYS A 80 -23.28 -8.81 14.57
N ASP A 81 -23.88 -9.49 15.55
CA ASP A 81 -24.95 -8.93 16.35
C ASP A 81 -24.36 -8.16 17.51
N GLY A 82 -25.08 -7.15 17.99
CA GLY A 82 -24.68 -6.39 19.17
C GLY A 82 -23.45 -5.49 19.05
N LEU A 83 -23.06 -5.13 17.84
CA LEU A 83 -21.93 -4.23 17.66
C LEU A 83 -22.31 -2.82 18.07
N THR A 84 -21.34 -2.06 18.59
CA THR A 84 -21.57 -0.68 18.95
C THR A 84 -20.38 0.17 18.57
N TRP A 85 -20.64 1.47 18.46
CA TRP A 85 -19.62 2.48 18.21
C TRP A 85 -19.09 2.90 19.59
N HIS A 86 -18.04 3.74 19.62
CA HIS A 86 -17.41 4.15 20.89
C HIS A 86 -18.30 4.96 21.84
N ASP A 87 -19.32 5.63 21.30
CA ASP A 87 -20.26 6.40 22.10
C ASP A 87 -21.50 5.61 22.52
N GLY A 88 -21.50 4.29 22.26
CA GLY A 88 -22.60 3.41 22.69
C GLY A 88 -23.73 3.16 21.70
N LYS A 89 -23.81 3.95 20.63
CA LYS A 89 -24.84 3.76 19.60
C LYS A 89 -24.57 2.45 18.86
N PRO A 90 -25.64 1.76 18.44
CA PRO A 90 -25.47 0.52 17.69
C PRO A 90 -24.79 0.72 16.34
N LEU A 91 -24.04 -0.31 15.91
CA LEU A 91 -23.42 -0.30 14.57
C LEU A 91 -24.22 -1.34 13.79
N THR A 92 -24.94 -0.89 12.74
CA THR A 92 -25.79 -1.73 11.92
C THR A 92 -25.57 -1.53 10.44
N ALA A 93 -26.38 -2.20 9.63
CA ALA A 93 -26.33 -2.05 8.18
C ALA A 93 -26.54 -0.60 7.75
N ASP A 94 -27.38 0.14 8.48
CA ASP A 94 -27.63 1.54 8.14
C ASP A 94 -26.35 2.38 8.07
N ASP A 95 -25.33 2.01 8.87
CA ASP A 95 -24.04 2.69 8.85
C ASP A 95 -23.27 2.31 7.57
N VAL A 96 -23.34 1.04 7.20
CA VAL A 96 -22.69 0.56 5.98
C VAL A 96 -23.32 1.26 4.78
N VAL A 97 -24.65 1.26 4.72
CA VAL A 97 -25.38 1.92 3.63
C VAL A 97 -25.03 3.40 3.55
N PHE A 98 -25.04 4.06 4.72
CA PHE A 98 -24.70 5.47 4.78
C PHE A 98 -23.28 5.71 4.31
N THR A 99 -22.35 4.85 4.70
CA THR A 99 -20.95 5.06 4.30
C THR A 99 -20.79 5.00 2.78
N VAL A 100 -21.41 4.01 2.15
CA VAL A 100 -21.31 3.85 0.70
C VAL A 100 -21.94 5.04 -0.03
N ASN A 101 -23.10 5.48 0.45
CA ASN A 101 -23.78 6.65 -0.15
C ASN A 101 -22.96 7.92 0.05
N SER A 102 -22.26 8.01 1.17
CA SER A 102 -21.41 9.19 1.43
C SER A 102 -20.16 9.17 0.52
N ILE A 103 -19.71 7.99 0.11
CA ILE A 103 -18.57 7.87 -0.82
C ILE A 103 -19.03 8.13 -2.26
N LEU A 104 -20.23 7.63 -2.60
CA LEU A 104 -20.80 7.82 -3.92
C LEU A 104 -21.12 9.28 -4.20
N ASP A 105 -21.48 10.01 -3.15
CA ASP A 105 -21.86 11.41 -3.25
C ASP A 105 -20.65 12.22 -3.74
N THR A 106 -20.72 12.67 -4.99
CA THR A 106 -19.63 13.41 -5.65
C THR A 106 -19.19 14.67 -4.91
N LYS A 107 -20.13 15.38 -4.25
CA LYS A 107 -19.75 16.60 -3.51
C LYS A 107 -18.77 16.33 -2.34
N GLN A 108 -18.69 15.10 -1.85
CA GLN A 108 -17.79 14.78 -0.74
C GLN A 108 -16.32 14.57 -1.17
N ASN A 109 -16.08 14.46 -2.49
CA ASN A 109 -14.73 14.24 -3.03
C ASN A 109 -13.98 13.08 -2.37
N SER A 110 -14.62 11.93 -2.26
CA SER A 110 -13.94 10.75 -1.66
C SER A 110 -13.02 10.12 -2.68
N PRO A 111 -11.73 9.91 -2.31
CA PRO A 111 -10.80 9.31 -3.28
C PRO A 111 -11.12 7.86 -3.69
N ASN A 112 -11.96 7.15 -2.95
CA ASN A 112 -12.32 5.75 -3.25
C ASN A 112 -13.62 5.59 -4.04
N ARG A 113 -14.21 6.71 -4.47
CA ARG A 113 -15.47 6.66 -5.20
C ARG A 113 -15.44 5.73 -6.40
N GLY A 114 -14.31 5.71 -7.12
CA GLY A 114 -14.13 4.84 -8.30
C GLY A 114 -14.37 3.34 -8.08
N ASN A 115 -14.19 2.88 -6.85
CA ASN A 115 -14.39 1.46 -6.49
C ASN A 115 -15.87 1.05 -6.39
N PHE A 116 -16.76 2.04 -6.32
CA PHE A 116 -18.20 1.78 -6.21
C PHE A 116 -18.97 2.19 -7.47
N VAL A 117 -18.25 2.51 -8.54
CA VAL A 117 -18.83 2.93 -9.82
C VAL A 117 -18.27 2.05 -10.96
N PHE A 118 -19.12 1.73 -11.93
CA PHE A 118 -18.76 0.87 -13.07
C PHE A 118 -19.46 1.42 -14.29
N ASP A 119 -18.69 1.83 -15.29
CA ASP A 119 -19.25 2.47 -16.50
C ASP A 119 -20.13 3.65 -16.11
N ASP A 120 -19.69 4.42 -15.12
CA ASP A 120 -20.43 5.59 -14.62
C ASP A 120 -21.73 5.24 -13.87
N LYS A 121 -22.04 3.94 -13.68
CA LYS A 121 -23.23 3.53 -12.90
C LYS A 121 -22.79 3.14 -11.49
N PRO A 122 -23.50 3.63 -10.47
CA PRO A 122 -23.12 3.29 -9.11
C PRO A 122 -23.69 1.95 -8.67
N VAL A 123 -23.00 1.31 -7.73
CA VAL A 123 -23.53 0.10 -7.10
C VAL A 123 -24.71 0.53 -6.23
N LYS A 124 -25.76 -0.28 -6.14
CA LYS A 124 -26.87 0.04 -5.24
C LYS A 124 -26.63 -0.73 -3.94
N VAL A 125 -26.98 -0.12 -2.82
CA VAL A 125 -26.79 -0.74 -1.52
C VAL A 125 -28.07 -0.59 -0.71
N GLU A 126 -28.40 -1.61 0.07
CA GLU A 126 -29.65 -1.64 0.82
C GLU A 126 -29.48 -2.41 2.13
N ALA A 127 -30.16 -1.93 3.18
CA ALA A 127 -30.15 -2.55 4.50
C ALA A 127 -31.37 -3.46 4.62
N VAL A 128 -31.22 -4.74 4.33
CA VAL A 128 -32.36 -5.66 4.44
C VAL A 128 -32.84 -5.73 5.90
N ASP A 129 -31.89 -5.78 6.83
CA ASP A 129 -32.14 -5.80 8.28
C ASP A 129 -31.07 -4.95 8.91
N ASP A 130 -31.07 -4.93 10.23
CA ASP A 130 -30.01 -4.25 10.97
C ASP A 130 -28.67 -4.97 10.79
N THR A 131 -28.70 -6.30 10.58
CA THR A 131 -27.46 -7.06 10.39
C THR A 131 -27.26 -7.60 8.96
N THR A 132 -27.88 -7.00 7.96
CA THR A 132 -27.76 -7.48 6.57
C THR A 132 -27.68 -6.35 5.56
N VAL A 133 -26.59 -6.29 4.82
CA VAL A 133 -26.36 -5.30 3.76
C VAL A 133 -26.35 -6.06 2.43
N LYS A 134 -27.10 -5.56 1.44
CA LYS A 134 -27.16 -6.18 0.10
C LYS A 134 -26.65 -5.18 -0.92
N PHE A 135 -25.61 -5.56 -1.66
CA PHE A 135 -25.06 -4.74 -2.72
C PHE A 135 -25.49 -5.35 -4.05
N THR A 136 -25.97 -4.50 -4.95
N THR A 136 -25.99 -4.52 -4.96
CA THR A 136 -26.40 -4.95 -6.27
CA THR A 136 -26.40 -4.98 -6.27
C THR A 136 -25.61 -4.17 -7.32
C THR A 136 -25.62 -4.19 -7.31
N LEU A 137 -24.72 -4.88 -8.02
CA LEU A 137 -23.89 -4.28 -9.05
C LEU A 137 -24.64 -4.18 -10.33
N PRO A 138 -24.33 -3.17 -11.16
CA PRO A 138 -24.97 -3.01 -12.48
C PRO A 138 -24.46 -4.03 -13.52
N THR A 139 -23.17 -4.35 -13.45
CA THR A 139 -22.54 -5.34 -14.32
C THR A 139 -21.57 -6.14 -13.48
N VAL A 140 -21.04 -7.23 -14.04
CA VAL A 140 -20.11 -8.08 -13.29
C VAL A 140 -18.82 -7.30 -12.98
N ALA A 141 -18.28 -7.50 -11.77
CA ALA A 141 -17.02 -6.84 -11.35
C ALA A 141 -16.35 -7.63 -10.20
N PRO A 142 -15.57 -8.66 -10.54
CA PRO A 142 -14.89 -9.49 -9.53
C PRO A 142 -14.06 -8.73 -8.50
N ALA A 143 -13.43 -7.64 -8.90
CA ALA A 143 -12.62 -6.81 -7.97
C ALA A 143 -13.45 -6.20 -6.87
N PHE A 144 -14.78 -6.20 -6.99
CA PHE A 144 -15.60 -5.60 -5.95
C PHE A 144 -15.53 -6.40 -4.64
N GLU A 145 -15.21 -7.69 -4.72
CA GLU A 145 -15.00 -8.48 -3.50
C GLU A 145 -13.87 -7.86 -2.66
N ASN A 146 -12.80 -7.42 -3.33
CA ASN A 146 -11.68 -6.78 -2.66
C ASN A 146 -12.09 -5.44 -2.01
N THR A 147 -12.90 -4.67 -2.72
CA THR A 147 -13.39 -3.40 -2.20
C THR A 147 -14.18 -3.65 -0.89
N ILE A 148 -14.99 -4.71 -0.86
CA ILE A 148 -15.73 -5.06 0.36
C ILE A 148 -14.75 -5.46 1.49
N LYS A 149 -13.67 -6.14 1.15
CA LYS A 149 -12.65 -6.58 2.12
C LYS A 149 -11.69 -5.48 2.62
N THR A 150 -11.79 -4.27 2.08
CA THR A 150 -10.96 -3.13 2.49
C THR A 150 -11.86 -1.95 2.92
N PHE A 151 -13.03 -2.27 3.47
CA PHE A 151 -14.05 -1.31 3.83
C PHE A 151 -14.24 -1.08 5.34
N PHE A 152 -14.10 0.18 5.75
CA PHE A 152 -14.28 0.62 7.15
C PHE A 152 -15.52 1.51 7.20
N PRO A 153 -16.59 1.10 7.91
CA PRO A 153 -17.73 1.99 7.95
C PRO A 153 -17.55 3.18 8.88
N ILE A 154 -18.30 4.25 8.58
CA ILE A 154 -18.33 5.46 9.43
C ILE A 154 -19.72 5.55 10.07
N PRO A 155 -19.86 6.32 11.16
CA PRO A 155 -21.17 6.35 11.82
C PRO A 155 -22.18 7.35 11.21
N LYS A 156 -23.38 6.85 10.91
CA LYS A 156 -24.44 7.64 10.34
C LYS A 156 -24.91 8.72 11.36
N HIS A 157 -25.12 8.32 12.61
CA HIS A 157 -25.58 9.28 13.62
C HIS A 157 -24.64 10.50 13.81
N ILE A 158 -23.39 10.36 13.40
CA ILE A 158 -22.39 11.43 13.49
C ILE A 158 -22.32 12.27 12.22
N PHE A 159 -22.25 11.64 11.06
CA PHE A 159 -22.08 12.37 9.78
C PHE A 159 -23.32 12.64 8.91
N GLU A 160 -24.47 12.10 9.28
CA GLU A 160 -25.71 12.35 8.54
C GLU A 160 -26.01 13.87 8.55
N GLY A 161 -26.21 14.46 7.36
CA GLY A 161 -26.50 15.89 7.24
C GLY A 161 -25.27 16.80 7.26
N VAL A 162 -24.07 16.23 7.27
CA VAL A 162 -22.85 17.03 7.21
C VAL A 162 -22.54 17.25 5.74
N GLU A 163 -22.42 18.51 5.32
CA GLU A 163 -22.17 18.83 3.92
C GLU A 163 -20.77 18.52 3.44
N ASN A 164 -19.76 18.82 4.26
CA ASN A 164 -18.36 18.52 3.90
C ASN A 164 -17.74 17.66 5.01
N ILE A 165 -17.71 16.36 4.76
CA ILE A 165 -17.22 15.41 5.73
C ILE A 165 -15.73 15.54 5.97
N GLU A 166 -14.95 15.74 4.92
CA GLU A 166 -13.49 15.83 5.05
C GLU A 166 -13.02 16.99 5.97
N LYS A 167 -13.74 18.11 5.97
CA LYS A 167 -13.37 19.29 6.77
C LYS A 167 -14.09 19.41 8.11
N SER A 168 -15.13 18.60 8.32
CA SER A 168 -15.91 18.64 9.57
C SER A 168 -15.07 18.53 10.85
N ASP A 169 -15.38 19.40 11.81
CA ASP A 169 -14.68 19.40 13.11
C ASP A 169 -15.00 18.13 13.91
N LYS A 170 -15.99 17.38 13.47
CA LYS A 170 -16.27 16.08 14.10
C LYS A 170 -15.10 15.09 13.92
N ASN A 171 -14.25 15.33 12.90
CA ASN A 171 -13.08 14.48 12.67
C ASN A 171 -12.00 14.76 13.70
N LYS A 172 -12.14 15.88 14.43
CA LYS A 172 -11.21 16.20 15.52
C LYS A 172 -11.37 15.23 16.70
N ASN A 173 -12.56 14.64 16.87
N ASN A 173 -12.60 14.68 16.85
CA ASN A 173 -12.75 13.66 17.94
CA ASN A 173 -12.97 13.68 17.89
C ASN A 173 -13.47 12.44 17.33
C ASN A 173 -13.56 12.45 17.21
N PRO A 174 -12.73 11.69 16.49
CA PRO A 174 -13.29 10.54 15.75
C PRO A 174 -13.93 9.42 16.59
N ILE A 175 -15.17 9.10 16.22
CA ILE A 175 -15.93 8.04 16.85
C ILE A 175 -15.79 6.81 15.95
N GLY A 176 -15.26 5.73 16.51
CA GLY A 176 -15.01 4.54 15.74
C GLY A 176 -15.55 3.26 16.34
N SER A 177 -15.11 2.15 15.75
CA SER A 177 -15.48 0.80 16.15
C SER A 177 -14.24 -0.05 16.46
N GLY A 178 -13.06 0.54 16.35
CA GLY A 178 -11.82 -0.17 16.62
C GLY A 178 -11.54 -0.39 18.10
N PRO A 179 -10.46 -1.10 18.41
CA PRO A 179 -10.12 -1.41 19.80
C PRO A 179 -9.71 -0.27 20.70
N TYR A 180 -9.37 0.90 20.14
CA TYR A 180 -8.94 2.07 20.90
C TYR A 180 -9.74 3.33 20.58
N LYS A 181 -10.32 3.93 21.63
CA LYS A 181 -11.13 5.14 21.54
C LYS A 181 -10.24 6.34 21.57
N PHE A 182 -10.67 7.39 20.92
CA PHE A 182 -9.88 8.62 20.85
C PHE A 182 -10.00 9.39 22.17
N VAL A 183 -8.87 9.91 22.67
CA VAL A 183 -8.81 10.70 23.87
C VAL A 183 -8.50 12.13 23.46
N GLU A 184 -7.31 12.36 22.90
CA GLU A 184 -6.94 13.73 22.45
C GLU A 184 -5.77 13.76 21.47
N TYR A 185 -5.63 14.91 20.82
CA TYR A 185 -4.56 15.14 19.83
C TYR A 185 -3.79 16.46 20.02
N LYS A 186 -2.52 16.34 20.43
CA LYS A 186 -1.64 17.50 20.54
C LYS A 186 -0.82 17.60 19.25
N THR A 187 -1.10 18.65 18.48
CA THR A 187 -0.45 18.92 17.19
C THR A 187 1.07 18.78 17.26
N GLY A 188 1.62 18.01 16.33
CA GLY A 188 3.06 17.79 16.28
C GLY A 188 3.69 17.06 17.46
N GLU A 189 2.88 16.59 18.40
CA GLU A 189 3.43 15.91 19.57
C GLU A 189 2.91 14.48 19.76
N TYR A 190 1.59 14.29 19.83
CA TYR A 190 1.04 12.94 20.02
C TYR A 190 -0.47 12.82 19.83
N VAL A 191 -0.90 11.57 19.69
CA VAL A 191 -2.32 11.21 19.65
C VAL A 191 -2.48 10.16 20.74
N SER A 192 -3.37 10.38 21.71
CA SER A 192 -3.59 9.42 22.80
C SER A 192 -4.96 8.75 22.66
N LEU A 193 -5.00 7.45 22.97
CA LEU A 193 -6.19 6.66 22.87
C LEU A 193 -6.34 5.78 24.10
N GLU A 194 -7.55 5.26 24.33
CA GLU A 194 -7.80 4.34 25.45
C GLU A 194 -8.65 3.18 24.97
N ARG A 195 -8.50 2.03 25.61
CA ARG A 195 -9.20 0.83 25.15
C ARG A 195 -10.73 0.90 25.12
N PHE A 196 -11.29 0.27 24.10
CA PHE A 196 -12.74 0.17 23.94
C PHE A 196 -13.13 -1.17 24.50
N ASN A 197 -13.79 -1.18 25.66
CA ASN A 197 -14.12 -2.46 26.30
C ASN A 197 -15.06 -3.35 25.54
N ASP A 198 -15.96 -2.77 24.75
CA ASP A 198 -16.92 -3.57 23.97
C ASP A 198 -16.45 -3.86 22.54
N TYR A 199 -15.15 -3.75 22.31
CA TYR A 199 -14.56 -4.08 21.00
C TYR A 199 -15.02 -5.48 20.61
N PHE A 200 -15.49 -5.63 19.38
CA PHE A 200 -16.10 -6.91 18.97
C PHE A 200 -15.20 -8.15 19.13
N ASP A 201 -13.89 -8.02 18.98
CA ASP A 201 -13.07 -9.21 18.99
C ASP A 201 -12.52 -9.57 20.38
N GLY A 202 -12.97 -8.84 21.41
CA GLY A 202 -12.55 -9.08 22.78
C GLY A 202 -11.94 -7.85 23.38
N LYS A 203 -12.12 -7.70 24.67
CA LYS A 203 -11.61 -6.55 25.42
C LYS A 203 -10.08 -6.42 25.27
N PRO A 204 -9.59 -5.25 24.80
CA PRO A 204 -8.13 -5.10 24.67
C PRO A 204 -7.35 -5.27 25.98
N LYS A 205 -6.14 -5.82 25.88
CA LYS A 205 -5.30 -6.08 27.05
C LYS A 205 -4.56 -4.84 27.54
N LEU A 206 -4.02 -4.04 26.62
CA LEU A 206 -3.37 -2.78 26.99
C LEU A 206 -4.46 -1.71 27.15
N ASP A 207 -4.31 -0.91 28.19
CA ASP A 207 -5.29 0.10 28.53
C ASP A 207 -5.15 1.39 27.68
N LYS A 208 -3.92 1.88 27.49
CA LYS A 208 -3.70 3.12 26.72
C LYS A 208 -2.69 2.97 25.61
N VAL A 209 -2.92 3.67 24.49
CA VAL A 209 -2.00 3.65 23.36
C VAL A 209 -1.78 5.09 22.94
N THR A 210 -0.52 5.47 22.83
CA THR A 210 -0.16 6.81 22.44
C THR A 210 0.70 6.72 21.20
N PHE A 211 0.37 7.53 20.20
CA PHE A 211 1.19 7.60 18.98
C PHE A 211 2.06 8.82 19.15
N ARG A 212 3.37 8.58 19.33
CA ARG A 212 4.37 9.64 19.55
C ARG A 212 5.04 10.09 18.25
N ILE A 213 4.93 11.37 17.94
CA ILE A 213 5.46 11.94 16.71
C ILE A 213 6.93 12.38 16.83
N THR A 214 7.86 11.60 16.28
CA THR A 214 9.30 11.95 16.30
C THR A 214 9.91 11.63 14.93
N LYS A 215 10.32 12.70 14.24
CA LYS A 215 10.89 12.67 12.89
C LYS A 215 12.33 12.12 12.82
N ASP A 216 13.24 12.71 13.58
CA ASP A 216 14.66 12.28 13.58
C ASP A 216 14.81 10.84 14.07
N GLN A 217 15.30 9.96 13.19
CA GLN A 217 15.47 8.54 13.53
C GLN A 217 16.55 8.25 14.58
N ASN A 218 17.65 9.00 14.57
CA ASN A 218 18.67 8.81 15.63
C ASN A 218 18.04 9.09 16.99
N ALA A 219 17.26 10.19 17.06
CA ALA A 219 16.55 10.54 18.28
C ALA A 219 15.45 9.53 18.60
N ALA A 220 14.73 9.09 17.60
CA ALA A 220 13.63 8.15 17.81
C ALA A 220 14.15 6.81 18.34
N ASN A 221 15.26 6.34 17.77
CA ASN A 221 15.85 5.06 18.17
C ASN A 221 16.42 5.15 19.59
N LEU A 222 16.94 6.31 19.95
CA LEU A 222 17.40 6.52 21.30
C LEU A 222 16.19 6.49 22.28
N ALA A 223 15.08 7.11 21.87
CA ALA A 223 13.87 7.12 22.71
C ALA A 223 13.40 5.67 22.95
N LEU A 224 13.53 4.85 21.92
CA LEU A 224 13.18 3.45 21.99
C LEU A 224 14.07 2.71 22.99
N GLN A 225 15.37 2.96 22.90
CA GLN A 225 16.34 2.37 23.79
C GLN A 225 16.07 2.72 25.25
N ASN A 226 15.72 3.99 25.51
CA ASN A 226 15.43 4.46 26.88
C ASN A 226 13.99 4.18 27.37
N GLY A 227 13.20 3.40 26.63
CA GLY A 227 11.82 3.09 27.03
C GLY A 227 10.79 4.20 26.90
N GLU A 228 11.13 5.28 26.20
CA GLU A 228 10.21 6.42 25.97
C GLU A 228 9.28 6.13 24.78
N ILE A 229 9.69 5.18 23.95
CA ILE A 229 8.91 4.64 22.84
C ILE A 229 9.03 3.13 23.01
N ASN A 230 7.93 2.42 22.75
CA ASN A 230 7.88 0.96 22.90
C ASN A 230 7.84 0.19 21.58
N LEU A 231 7.42 0.86 20.51
CA LEU A 231 7.22 0.23 19.21
C LEU A 231 7.35 1.22 18.07
N LYS A 232 8.05 0.84 17.02
CA LYS A 232 8.20 1.70 15.85
C LYS A 232 8.80 0.92 14.69
N SER A 233 8.73 1.53 13.53
CA SER A 233 9.36 1.05 12.32
C SER A 233 10.84 1.44 12.34
N ILE A 234 11.68 0.56 11.80
CA ILE A 234 13.12 0.74 11.74
C ILE A 234 13.59 0.67 10.29
N GLN A 235 14.56 1.49 9.92
CA GLN A 235 15.14 1.43 8.58
C GLN A 235 16.16 0.30 8.60
N PRO A 236 16.32 -0.42 7.48
CA PRO A 236 17.28 -1.54 7.42
C PRO A 236 18.68 -1.22 7.98
N SER A 237 19.22 -0.05 7.64
CA SER A 237 20.54 0.38 8.06
C SER A 237 20.65 0.59 9.58
N ASP A 238 19.51 0.77 10.26
CA ASP A 238 19.54 0.95 11.71
C ASP A 238 19.27 -0.33 12.51
N ARG A 239 18.95 -1.42 11.83
CA ARG A 239 18.56 -2.67 12.50
C ARG A 239 19.60 -3.25 13.47
N ASN A 240 20.87 -3.28 13.08
CA ASN A 240 21.89 -3.79 14.01
C ASN A 240 22.12 -2.85 15.21
N LYS A 241 21.91 -1.54 15.02
CA LYS A 241 22.06 -0.53 16.09
C LYS A 241 21.04 -0.72 17.20
N VAL A 242 19.77 -0.80 16.82
CA VAL A 242 18.70 -0.88 17.80
C VAL A 242 18.58 -2.24 18.46
N GLU A 243 18.91 -3.31 17.73
CA GLU A 243 18.81 -4.66 18.28
C GLU A 243 19.78 -4.90 19.46
N LYS A 244 20.98 -4.35 19.38
CA LYS A 244 21.97 -4.51 20.45
C LYS A 244 21.94 -3.39 21.51
N ALA A 245 21.17 -2.33 21.25
CA ALA A 245 21.07 -1.18 22.18
C ALA A 245 20.16 -1.42 23.40
N SER A 246 19.11 -2.23 23.24
CA SER A 246 18.20 -2.53 24.37
C SER A 246 17.46 -3.85 24.12
N ALA A 247 16.57 -4.21 25.05
CA ALA A 247 15.80 -5.43 24.90
C ALA A 247 14.60 -5.19 23.97
N VAL A 248 14.77 -5.51 22.69
CA VAL A 248 13.70 -5.38 21.70
C VAL A 248 13.70 -6.59 20.77
N ASN A 249 12.51 -6.95 20.33
CA ASN A 249 12.36 -8.02 19.37
C ASN A 249 12.22 -7.33 18.00
N ILE A 250 13.01 -7.77 17.03
CA ILE A 250 12.95 -7.22 15.70
C ILE A 250 12.07 -8.12 14.88
N ILE A 251 11.09 -7.52 14.18
CA ILE A 251 10.15 -8.27 13.36
C ILE A 251 10.26 -7.79 11.92
N THR A 252 10.46 -8.73 11.01
CA THR A 252 10.61 -8.49 9.59
C THR A 252 9.49 -9.26 8.85
N TYR A 253 8.75 -8.55 8.00
CA TYR A 253 7.60 -9.10 7.30
C TYR A 253 7.40 -8.39 5.94
N PRO A 254 6.74 -9.05 4.98
CA PRO A 254 6.57 -8.38 3.68
C PRO A 254 5.71 -7.14 3.76
N GLU A 255 6.13 -6.08 3.07
CA GLU A 255 5.32 -4.85 3.03
C GLU A 255 4.50 -4.77 1.76
N ASN A 256 4.57 -5.83 0.93
CA ASN A 256 3.88 -5.88 -0.35
C ASN A 256 4.27 -4.70 -1.23
N ARG A 257 5.51 -4.25 -1.09
CA ARG A 257 6.00 -3.15 -1.88
C ARG A 257 6.92 -3.66 -2.98
N LEU A 258 6.68 -3.19 -4.21
CA LEU A 258 7.56 -3.46 -5.31
C LEU A 258 8.47 -2.23 -5.49
N SER A 259 9.76 -2.45 -5.53
CA SER A 259 10.77 -1.41 -5.82
C SER A 259 11.09 -1.68 -7.28
N TYR A 260 11.02 -0.64 -8.13
CA TYR A 260 11.28 -0.81 -9.54
C TYR A 260 11.81 0.42 -10.23
N ALA A 261 12.31 0.23 -11.44
CA ALA A 261 12.78 1.31 -12.29
C ALA A 261 11.87 1.40 -13.50
N THR A 262 11.52 2.60 -13.91
CA THR A 262 10.66 2.83 -15.08
C THR A 262 11.51 3.33 -16.22
N PHE A 263 11.17 2.97 -17.46
CA PHE A 263 11.88 3.48 -18.65
C PHE A 263 10.94 4.47 -19.32
N ASN A 264 11.34 5.75 -19.38
CA ASN A 264 10.47 6.80 -19.94
C ASN A 264 10.41 6.76 -21.47
N GLU A 265 9.34 6.18 -22.01
CA GLU A 265 9.18 6.09 -23.46
C GLU A 265 8.92 7.43 -24.17
N ASN A 266 8.79 8.53 -23.43
CA ASN A 266 8.67 9.86 -24.06
C ASN A 266 10.04 10.26 -24.65
N GLN A 267 11.13 9.67 -24.14
CA GLN A 267 12.46 9.90 -24.72
C GLN A 267 12.52 8.95 -25.91
N PRO A 268 12.75 9.47 -27.12
CA PRO A 268 12.77 8.59 -28.30
C PRO A 268 13.60 7.30 -28.16
N ALA A 269 14.82 7.39 -27.63
CA ALA A 269 15.70 6.22 -27.52
C ALA A 269 15.10 5.03 -26.76
N LEU A 270 14.37 5.29 -25.68
CA LEU A 270 13.74 4.23 -24.87
C LEU A 270 12.49 3.57 -25.48
N LYS A 271 12.11 4.00 -26.69
CA LYS A 271 10.99 3.41 -27.43
C LYS A 271 11.41 2.02 -27.90
N SER A 272 12.72 1.84 -28.06
CA SER A 272 13.30 0.58 -28.48
C SER A 272 13.22 -0.50 -27.41
N LYS A 273 12.51 -1.58 -27.74
CA LYS A 273 12.37 -2.75 -26.88
C LYS A 273 13.78 -3.26 -26.59
N GLU A 274 14.61 -3.32 -27.63
CA GLU A 274 15.99 -3.78 -27.52
C GLU A 274 16.81 -3.00 -26.47
N LEU A 275 16.69 -1.67 -26.48
CA LEU A 275 17.41 -0.86 -25.50
C LEU A 275 16.93 -1.16 -24.09
N ARG A 276 15.61 -1.24 -23.92
CA ARG A 276 15.02 -1.54 -22.60
C ARG A 276 15.47 -2.89 -22.09
N GLN A 277 15.57 -3.87 -22.99
CA GLN A 277 16.03 -5.21 -22.63
C GLN A 277 17.52 -5.20 -22.31
N ALA A 278 18.29 -4.41 -23.04
CA ALA A 278 19.72 -4.29 -22.76
C ALA A 278 19.94 -3.76 -21.33
N LEU A 279 19.13 -2.78 -20.94
CA LEU A 279 19.23 -2.13 -19.62
C LEU A 279 18.66 -3.00 -18.50
N SER A 280 18.10 -4.15 -18.86
CA SER A 280 17.60 -5.12 -17.90
C SER A 280 18.68 -6.21 -17.74
N TYR A 281 19.12 -6.74 -18.87
CA TYR A 281 20.18 -7.75 -18.89
C TYR A 281 21.50 -7.30 -18.25
N ALA A 282 21.73 -6.01 -18.15
CA ALA A 282 22.96 -5.52 -17.53
C ALA A 282 22.93 -5.61 -16.00
N LEU A 283 21.76 -5.89 -15.44
CA LEU A 283 21.57 -5.87 -13.99
C LEU A 283 21.40 -7.24 -13.34
N ASP A 284 21.69 -7.28 -12.03
CA ASP A 284 21.53 -8.49 -11.20
C ASP A 284 20.87 -8.13 -9.88
N ARG A 285 19.69 -8.68 -9.68
CA ARG A 285 18.89 -8.38 -8.50
C ARG A 285 19.52 -8.61 -7.12
N GLU A 286 20.20 -9.74 -6.90
CA GLU A 286 20.83 -9.99 -5.60
C GLU A 286 21.87 -8.92 -5.28
N GLU A 287 22.56 -8.45 -6.31
CA GLU A 287 23.55 -7.38 -6.15
C GLU A 287 22.88 -6.06 -5.80
N ILE A 288 21.77 -5.73 -6.48
CA ILE A 288 21.05 -4.48 -6.18
C ILE A 288 20.57 -4.49 -4.74
N ILE A 289 19.94 -5.58 -4.34
CA ILE A 289 19.44 -5.74 -2.96
C ILE A 289 20.59 -5.59 -1.99
N ASP A 290 21.69 -6.28 -2.29
CA ASP A 290 22.89 -6.22 -1.47
C ASP A 290 23.40 -4.78 -1.31
N ALA A 291 23.35 -3.99 -2.37
CA ALA A 291 23.83 -2.61 -2.33
C ALA A 291 22.82 -1.63 -1.74
N ALA A 292 21.53 -1.83 -2.02
CA ALA A 292 20.48 -0.93 -1.54
C ALA A 292 20.26 -1.03 -0.03
N TYR A 293 19.83 -2.22 0.39
CA TYR A 293 19.59 -2.53 1.79
C TYR A 293 20.90 -3.28 2.13
N GLY A 294 21.13 -3.68 3.37
CA GLY A 294 22.41 -4.33 3.71
C GLY A 294 22.57 -5.79 3.28
N SER A 295 21.50 -6.55 3.43
CA SER A 295 21.49 -7.97 3.16
C SER A 295 20.16 -8.35 2.53
N ASP A 296 19.99 -9.64 2.30
CA ASP A 296 18.76 -10.14 1.67
C ASP A 296 17.57 -10.32 2.63
N GLU A 297 17.72 -9.95 3.91
CA GLU A 297 16.60 -10.10 4.85
C GLU A 297 15.54 -9.02 4.63
N TYR A 298 15.88 -7.95 3.91
CA TYR A 298 15.00 -6.80 3.73
C TYR A 298 14.28 -6.70 2.38
N ALA A 299 14.64 -7.58 1.46
CA ALA A 299 14.01 -7.61 0.15
C ALA A 299 14.35 -8.90 -0.56
N LYS A 300 13.43 -9.39 -1.38
CA LYS A 300 13.66 -10.57 -2.19
C LYS A 300 13.52 -10.15 -3.68
N PRO A 301 14.33 -10.76 -4.57
CA PRO A 301 14.28 -10.43 -5.99
C PRO A 301 12.88 -10.51 -6.60
N ALA A 302 12.48 -9.47 -7.32
CA ALA A 302 11.18 -9.46 -7.98
C ALA A 302 11.25 -10.15 -9.36
N SER A 303 10.08 -10.37 -9.92
CA SER A 303 9.91 -11.00 -11.23
C SER A 303 8.73 -10.31 -11.94
N SER A 304 7.53 -10.59 -11.46
CA SER A 304 6.34 -9.97 -11.98
C SER A 304 6.20 -8.52 -11.54
N PHE A 305 5.41 -7.73 -12.28
CA PHE A 305 5.14 -6.34 -11.90
C PHE A 305 4.15 -6.29 -10.70
N LEU A 306 3.49 -7.42 -10.45
CA LEU A 306 2.61 -7.58 -9.33
C LEU A 306 3.38 -8.12 -8.12
N THR A 307 2.97 -7.72 -6.92
CA THR A 307 3.54 -8.26 -5.68
C THR A 307 2.89 -9.62 -5.38
N GLU A 308 3.49 -10.38 -4.47
CA GLU A 308 3.02 -11.76 -4.17
C GLU A 308 1.65 -11.93 -3.57
N ASN A 309 1.18 -10.88 -2.88
CA ASN A 309 -0.15 -10.88 -2.26
C ASN A 309 -1.29 -10.73 -3.27
N THR A 310 -0.98 -10.27 -4.48
CA THR A 310 -2.02 -9.98 -5.47
C THR A 310 -2.48 -11.20 -6.21
N LYS A 311 -3.79 -11.43 -6.27
CA LYS A 311 -4.32 -12.60 -7.01
C LYS A 311 -3.75 -12.72 -8.41
N TYR A 312 -3.45 -13.97 -8.77
CA TYR A 312 -2.92 -14.34 -10.07
C TYR A 312 -1.42 -14.02 -10.24
N PHE A 313 -0.77 -13.65 -9.15
CA PHE A 313 0.65 -13.42 -9.22
C PHE A 313 1.32 -14.70 -9.75
N THR A 314 2.33 -14.55 -10.60
CA THR A 314 3.14 -15.68 -11.07
C THR A 314 4.57 -15.19 -11.25
N ASP A 315 5.55 -15.97 -10.80
CA ASP A 315 6.96 -15.61 -10.96
C ASP A 315 7.55 -16.20 -12.24
N LYS A 316 6.70 -16.78 -13.09
CA LYS A 316 7.13 -17.38 -14.33
C LYS A 316 7.02 -16.40 -15.49
N VAL A 317 7.78 -15.31 -15.40
CA VAL A 317 7.81 -14.29 -16.45
C VAL A 317 9.27 -14.07 -16.79
N GLU A 318 9.54 -13.39 -17.90
CA GLU A 318 10.91 -13.11 -18.28
C GLU A 318 11.52 -12.15 -17.25
N THR A 319 12.72 -12.46 -16.78
CA THR A 319 13.39 -11.65 -15.78
C THR A 319 14.72 -11.06 -16.23
N TYR A 320 15.16 -11.38 -17.44
CA TYR A 320 16.39 -10.82 -18.00
C TYR A 320 17.57 -11.00 -17.09
N ASP A 321 17.83 -12.24 -16.68
CA ASP A 321 18.93 -12.53 -15.76
C ASP A 321 20.25 -12.04 -16.36
N GLN A 322 21.10 -11.48 -15.50
CA GLN A 322 22.34 -10.80 -15.94
C GLN A 322 23.13 -11.51 -17.05
N ASP A 323 23.29 -10.80 -18.16
CA ASP A 323 24.05 -11.25 -19.33
C ASP A 323 24.59 -10.00 -20.00
N ILE A 324 25.75 -9.55 -19.53
CA ILE A 324 26.40 -8.36 -20.05
C ILE A 324 26.77 -8.51 -21.52
N ALA A 325 27.19 -9.71 -21.93
CA ALA A 325 27.54 -9.94 -23.34
C ALA A 325 26.31 -9.75 -24.24
N LYS A 326 25.17 -10.31 -23.82
CA LYS A 326 23.93 -10.18 -24.60
C LYS A 326 23.44 -8.74 -24.55
N ALA A 327 23.68 -8.06 -23.43
CA ALA A 327 23.30 -6.67 -23.29
C ALA A 327 24.04 -5.82 -24.30
N LYS A 328 25.33 -6.11 -24.51
CA LYS A 328 26.14 -5.39 -25.51
C LYS A 328 25.57 -5.60 -26.92
N LYS A 329 25.13 -6.83 -27.20
CA LYS A 329 24.47 -7.17 -28.46
C LYS A 329 23.21 -6.32 -28.72
N LEU A 330 22.37 -6.20 -27.70
CA LEU A 330 21.12 -5.46 -27.82
C LEU A 330 21.29 -3.94 -27.95
N VAL A 331 22.21 -3.36 -27.20
CA VAL A 331 22.45 -1.94 -27.31
C VAL A 331 22.96 -1.61 -28.73
N LYS A 332 23.72 -2.53 -29.34
CA LYS A 332 24.21 -2.40 -30.72
C LYS A 332 22.99 -2.39 -31.66
N GLU A 333 22.21 -3.48 -31.64
CA GLU A 333 20.99 -3.63 -32.46
C GLU A 333 20.01 -2.49 -32.26
N SER A 334 20.05 -1.88 -31.08
CA SER A 334 19.16 -0.76 -30.75
C SER A 334 19.28 0.41 -31.72
N GLY A 335 20.53 0.79 -32.01
CA GLY A 335 20.82 1.95 -32.85
C GLY A 335 21.02 3.17 -31.97
N PHE A 336 21.08 2.94 -30.67
CA PHE A 336 21.27 4.01 -29.71
C PHE A 336 22.71 4.52 -29.84
N ASP A 337 22.86 5.82 -30.04
CA ASP A 337 24.19 6.39 -30.12
C ASP A 337 24.71 6.64 -28.74
N THR A 338 25.63 5.76 -28.31
CA THR A 338 26.27 5.84 -27.00
C THR A 338 26.81 7.25 -26.68
N SER A 339 27.00 8.08 -27.71
CA SER A 339 27.42 9.48 -27.54
C SER A 339 26.47 10.21 -26.59
N GLN A 340 25.18 9.87 -26.68
CA GLN A 340 24.14 10.47 -25.86
C GLN A 340 24.17 9.88 -24.45
N LYS A 341 23.72 10.69 -23.48
CA LYS A 341 23.75 10.34 -22.07
C LYS A 341 22.33 10.22 -21.51
N LEU A 342 22.13 9.26 -20.61
CA LEU A 342 20.83 9.01 -20.00
C LEU A 342 20.80 9.52 -18.57
N THR A 343 19.60 9.86 -18.11
CA THR A 343 19.39 10.38 -16.77
C THR A 343 18.55 9.45 -15.89
N VAL A 344 18.98 9.29 -14.65
CA VAL A 344 18.21 8.51 -13.66
C VAL A 344 17.77 9.49 -12.58
N TYR A 345 16.46 9.67 -12.45
CA TYR A 345 15.89 10.59 -11.46
C TYR A 345 15.38 9.78 -10.29
N TYR A 346 15.72 10.22 -9.08
CA TYR A 346 15.32 9.54 -7.86
C TYR A 346 15.25 10.54 -6.71
N LEU A 347 14.82 10.06 -5.54
CA LEU A 347 14.71 10.90 -4.33
C LEU A 347 16.10 11.24 -3.75
N ASN A 348 16.33 12.51 -3.42
CA ASN A 348 17.63 12.94 -2.86
C ASN A 348 17.81 12.66 -1.36
N ASN A 349 16.81 12.06 -0.72
CA ASN A 349 16.84 11.75 0.71
C ASN A 349 16.65 10.25 1.00
N SER A 350 17.04 9.40 0.05
CA SER A 350 16.90 7.95 0.21
C SER A 350 18.19 7.27 -0.13
N LYS A 351 18.88 6.77 0.87
CA LYS A 351 20.16 6.08 0.65
C LYS A 351 20.00 4.86 -0.24
N SER A 352 18.86 4.17 -0.12
CA SER A 352 18.58 3.00 -0.96
C SER A 352 18.54 3.39 -2.42
N GLN A 353 17.77 4.44 -2.73
CA GLN A 353 17.66 4.90 -4.11
C GLN A 353 19.01 5.41 -4.67
N GLU A 354 19.87 6.00 -3.83
CA GLU A 354 21.18 6.43 -4.37
C GLU A 354 22.07 5.23 -4.71
N SER A 355 22.09 4.23 -3.83
CA SER A 355 22.87 3.01 -4.05
C SER A 355 22.39 2.27 -5.31
N ILE A 356 21.08 2.25 -5.51
CA ILE A 356 20.49 1.60 -6.69
C ILE A 356 20.95 2.36 -7.93
N ALA A 357 20.89 3.69 -7.84
CA ALA A 357 21.31 4.55 -8.95
C ALA A 357 22.76 4.31 -9.34
N LEU A 358 23.66 4.30 -8.37
CA LEU A 358 25.09 4.08 -8.65
C LEU A 358 25.32 2.72 -9.27
N TYR A 359 24.56 1.73 -8.80
CA TYR A 359 24.69 0.39 -9.36
C TYR A 359 24.29 0.41 -10.84
N LEU A 360 23.19 1.08 -11.19
CA LEU A 360 22.77 1.18 -12.60
C LEU A 360 23.85 1.90 -13.42
N GLN A 361 24.36 3.00 -12.89
CA GLN A 361 25.42 3.78 -13.55
C GLN A 361 26.63 2.90 -13.83
N GLN A 362 27.06 2.20 -12.80
CA GLN A 362 28.17 1.27 -12.86
C GLN A 362 27.92 0.19 -13.92
N GLN A 363 26.73 -0.43 -13.87
CA GLN A 363 26.40 -1.53 -14.80
C GLN A 363 26.20 -1.07 -16.21
N TYR A 364 25.63 0.13 -16.39
CA TYR A 364 25.44 0.65 -17.74
C TYR A 364 26.77 1.08 -18.33
N LYS A 365 27.68 1.63 -17.52
CA LYS A 365 29.02 1.95 -18.01
C LYS A 365 29.63 0.76 -18.71
N GLU A 366 29.54 -0.41 -18.06
CA GLU A 366 30.13 -1.65 -18.58
C GLU A 366 29.53 -2.13 -19.91
N ILE A 367 28.32 -1.70 -20.26
CA ILE A 367 27.73 -2.07 -21.57
C ILE A 367 27.81 -0.90 -22.58
N GLY A 368 28.68 0.06 -22.32
CA GLY A 368 28.88 1.21 -23.21
C GLY A 368 27.84 2.31 -23.15
N VAL A 369 27.03 2.34 -22.09
CA VAL A 369 25.97 3.36 -21.91
C VAL A 369 26.32 4.28 -20.75
N THR A 370 26.28 5.60 -20.98
CA THR A 370 26.59 6.59 -19.94
C THR A 370 25.31 7.04 -19.23
N LEU A 371 25.29 6.90 -17.91
CA LEU A 371 24.13 7.29 -17.10
C LEU A 371 24.52 8.40 -16.14
N ASP A 372 23.74 9.47 -16.12
CA ASP A 372 23.96 10.61 -15.24
C ASP A 372 22.97 10.56 -14.08
N LEU A 373 23.46 10.61 -12.85
CA LEU A 373 22.59 10.62 -11.67
C LEU A 373 21.99 11.99 -11.48
N LYS A 374 20.69 12.04 -11.24
CA LYS A 374 20.02 13.30 -11.04
C LYS A 374 19.13 13.18 -9.81
N PRO A 375 19.75 13.17 -8.61
CA PRO A 375 18.95 13.10 -7.38
C PRO A 375 18.11 14.37 -7.27
N THR A 376 16.87 14.26 -6.80
CA THR A 376 16.00 15.44 -6.69
C THR A 376 15.15 15.51 -5.41
N ASP A 377 14.67 16.72 -5.16
CA ASP A 377 13.80 17.07 -4.04
C ASP A 377 12.45 16.38 -4.27
N PRO A 378 11.82 15.83 -3.20
CA PRO A 378 10.54 15.09 -3.35
C PRO A 378 9.44 15.84 -4.11
N ASN A 379 9.14 17.07 -3.71
CA ASN A 379 8.09 17.86 -4.37
C ASN A 379 8.40 17.98 -5.86
N ALA A 380 9.63 18.40 -6.15
CA ALA A 380 10.09 18.56 -7.53
C ALA A 380 9.97 17.25 -8.31
N LEU A 381 10.25 16.14 -7.65
CA LEU A 381 10.18 14.82 -8.31
C LEU A 381 8.73 14.48 -8.71
N SER A 382 7.77 14.81 -7.85
CA SER A 382 6.36 14.60 -8.17
C SER A 382 6.00 15.40 -9.41
N ASN A 383 6.28 16.70 -9.37
CA ASN A 383 6.00 17.58 -10.51
C ASN A 383 6.58 17.00 -11.82
N ILE A 384 7.75 16.39 -11.72
CA ILE A 384 8.41 15.81 -12.90
C ILE A 384 7.76 14.50 -13.34
N THR A 385 7.63 13.54 -12.43
CA THR A 385 7.10 12.23 -12.78
C THR A 385 5.58 12.12 -12.81
N LEU A 386 4.89 13.08 -12.22
CA LEU A 386 3.42 13.05 -12.24
C LEU A 386 2.91 13.72 -13.54
N ASP A 387 3.84 14.31 -14.30
CA ASP A 387 3.52 14.98 -15.56
C ASP A 387 3.74 14.02 -16.75
N ARG A 388 2.65 13.49 -17.30
CA ARG A 388 2.70 12.52 -18.41
C ARG A 388 3.34 13.01 -19.72
N LYS A 389 3.62 14.30 -19.85
CA LYS A 389 4.26 14.82 -21.06
C LYS A 389 5.76 15.02 -20.88
N ASN A 390 6.25 14.81 -19.65
CA ASN A 390 7.66 15.04 -19.32
C ASN A 390 8.61 13.99 -19.89
N ALA A 391 9.70 14.47 -20.48
CA ALA A 391 10.75 13.64 -21.09
C ALA A 391 12.15 14.02 -20.57
N ASP A 392 12.21 14.60 -19.36
CA ASP A 392 13.49 14.95 -18.75
C ASP A 392 14.22 13.71 -18.25
N TYR A 393 13.45 12.81 -17.64
CA TYR A 393 14.02 11.59 -17.05
C TYR A 393 14.03 10.44 -18.03
N SER A 394 15.15 9.72 -18.07
CA SER A 394 15.24 8.53 -18.90
C SER A 394 14.71 7.40 -18.03
N ILE A 395 15.13 7.42 -16.77
CA ILE A 395 14.75 6.39 -15.81
C ILE A 395 14.35 7.07 -14.50
N ALA A 396 13.34 6.51 -13.85
CA ALA A 396 12.88 6.97 -12.55
C ALA A 396 12.70 5.76 -11.61
N LEU A 397 13.24 5.88 -10.40
CA LEU A 397 13.11 4.83 -9.41
C LEU A 397 11.83 5.08 -8.65
N ASN A 398 11.04 4.04 -8.45
CA ASN A 398 9.78 4.21 -7.76
C ASN A 398 9.39 2.95 -7.02
N GLY A 399 8.22 3.00 -6.39
CA GLY A 399 7.71 1.84 -5.67
C GLY A 399 6.23 1.96 -5.44
N TYR A 400 5.57 0.84 -5.19
CA TYR A 400 4.16 0.84 -4.88
C TYR A 400 3.70 -0.34 -4.05
N ILE A 401 2.60 -0.10 -3.34
CA ILE A 401 1.90 -1.10 -2.53
C ILE A 401 0.46 -1.00 -3.07
N MET A 402 0.07 -1.93 -3.94
CA MET A 402 -1.24 -1.81 -4.63
C MET A 402 -2.46 -2.59 -4.18
N GLY A 403 -2.33 -3.53 -3.26
CA GLY A 403 -3.52 -4.30 -2.88
C GLY A 403 -3.56 -5.71 -3.48
N ASN A 404 -4.63 -6.43 -3.13
CA ASN A 404 -4.82 -7.85 -3.45
C ASN A 404 -5.44 -8.22 -4.79
N ASP A 405 -6.00 -7.25 -5.52
CA ASP A 405 -6.60 -7.51 -6.83
C ASP A 405 -5.80 -6.77 -7.89
N PRO A 406 -5.41 -7.49 -8.97
CA PRO A 406 -4.60 -6.86 -10.02
C PRO A 406 -5.29 -5.72 -10.76
N ASP A 407 -6.61 -5.60 -10.68
CA ASP A 407 -7.31 -4.50 -11.39
C ASP A 407 -6.87 -3.12 -10.87
N ALA A 408 -6.47 -3.03 -9.61
CA ALA A 408 -6.02 -1.74 -9.06
C ALA A 408 -4.74 -1.21 -9.74
N TYR A 409 -3.98 -2.10 -10.39
CA TYR A 409 -2.74 -1.73 -11.05
C TYR A 409 -2.96 -1.04 -12.39
N LYS A 410 -4.18 -1.01 -12.91
CA LYS A 410 -4.48 -0.35 -14.19
C LYS A 410 -3.96 1.08 -14.34
N SER A 411 -4.10 1.87 -13.26
CA SER A 411 -3.71 3.28 -13.24
C SER A 411 -2.18 3.52 -13.41
N LEU A 412 -1.42 2.43 -13.40
CA LEU A 412 0.03 2.48 -13.59
C LEU A 412 0.43 1.95 -14.97
N TYR A 413 -0.49 1.32 -15.69
CA TYR A 413 -0.15 0.73 -17.02
C TYR A 413 -1.07 1.03 -18.21
N LEU A 414 -2.24 1.62 -17.99
CA LEU A 414 -3.13 2.00 -19.13
C LEU A 414 -2.52 3.17 -19.87
N SER A 415 -2.75 3.26 -21.17
CA SER A 415 -2.20 4.35 -22.00
C SER A 415 -2.50 5.73 -21.43
N ASP A 416 -3.73 5.93 -20.97
CA ASP A 416 -4.22 7.21 -20.44
C ASP A 416 -4.00 7.41 -18.93
N ALA A 417 -3.47 6.41 -18.25
CA ALA A 417 -3.35 6.50 -16.80
C ALA A 417 -2.39 7.58 -16.30
N PRO A 418 -2.75 8.26 -15.20
CA PRO A 418 -1.91 9.32 -14.65
C PRO A 418 -0.63 8.80 -13.97
N TYR A 419 -0.61 7.54 -13.54
CA TYR A 419 0.60 7.01 -12.91
C TYR A 419 1.40 6.06 -13.83
N ASN A 420 1.19 6.18 -15.15
CA ASN A 420 1.92 5.38 -16.14
C ASN A 420 3.27 6.09 -16.36
N TYR A 421 4.19 5.86 -15.43
CA TYR A 421 5.52 6.54 -15.44
C TYR A 421 6.38 6.24 -16.66
N SER A 422 6.20 5.06 -17.23
CA SER A 422 6.94 4.63 -18.41
C SER A 422 6.37 5.24 -19.70
N ASN A 423 5.14 5.77 -19.65
CA ASN A 423 4.44 6.35 -20.82
C ASN A 423 4.29 5.32 -21.97
N TYR A 424 4.06 4.07 -21.57
CA TYR A 424 3.87 2.93 -22.47
C TYR A 424 2.45 2.88 -23.02
N HIS A 425 2.33 2.95 -24.35
CA HIS A 425 1.02 2.97 -25.00
C HIS A 425 0.81 1.71 -25.85
N ASN A 426 -0.07 0.84 -25.37
CA ASN A 426 -0.39 -0.42 -26.03
C ASN A 426 -1.90 -0.72 -25.92
N LYS A 427 -2.65 -0.38 -26.97
CA LYS A 427 -4.11 -0.62 -27.03
C LYS A 427 -4.54 -2.06 -26.78
N ASP A 428 -3.83 -3.02 -27.37
CA ASP A 428 -4.17 -4.44 -27.17
C ASP A 428 -4.06 -4.81 -25.71
N LEU A 429 -3.01 -4.37 -25.04
CA LEU A 429 -2.83 -4.70 -23.62
C LEU A 429 -3.93 -4.05 -22.80
N ASP A 430 -4.30 -2.82 -23.17
CA ASP A 430 -5.37 -2.11 -22.48
C ASP A 430 -6.72 -2.85 -22.60
N ALA A 431 -6.93 -3.56 -23.72
CA ALA A 431 -8.16 -4.35 -23.91
C ALA A 431 -8.19 -5.53 -22.95
N LEU A 432 -7.01 -6.12 -22.69
CA LEU A 432 -6.88 -7.20 -21.72
C LEU A 432 -7.19 -6.69 -20.29
N TRP A 433 -6.65 -5.53 -19.92
CA TRP A 433 -6.93 -4.94 -18.61
C TRP A 433 -8.43 -4.84 -18.43
N GLU A 434 -9.13 -4.23 -19.39
CA GLU A 434 -10.58 -4.07 -19.30
C GLU A 434 -11.34 -5.40 -19.31
N LYS A 435 -10.85 -6.35 -20.08
CA LYS A 435 -11.44 -7.68 -20.15
C LYS A 435 -11.31 -8.38 -18.78
N GLY A 436 -10.17 -8.20 -18.11
CA GLY A 436 -9.95 -8.83 -16.81
C GLY A 436 -10.88 -8.30 -15.74
N ALA A 437 -11.20 -7.02 -15.84
CA ALA A 437 -12.10 -6.36 -14.91
C ALA A 437 -13.52 -6.91 -14.97
N VAL A 438 -13.95 -7.43 -16.13
CA VAL A 438 -15.35 -7.93 -16.30
C VAL A 438 -15.50 -9.46 -16.38
N THR A 439 -14.43 -10.21 -16.15
CA THR A 439 -14.46 -11.68 -16.25
C THR A 439 -14.61 -12.35 -14.89
N ALA A 440 -15.73 -13.04 -14.68
CA ALA A 440 -16.03 -13.69 -13.40
C ALA A 440 -15.36 -15.04 -13.17
N ASP A 441 -15.27 -15.87 -14.20
CA ASP A 441 -14.67 -17.22 -14.05
C ASP A 441 -13.22 -17.08 -13.59
N ASP A 442 -12.90 -17.78 -12.51
CA ASP A 442 -11.58 -17.70 -11.89
C ASP A 442 -10.43 -18.06 -12.85
N LYS A 443 -10.53 -19.24 -13.47
CA LYS A 443 -9.48 -19.70 -14.40
C LYS A 443 -9.33 -18.82 -15.65
N GLU A 444 -10.44 -18.35 -16.22
CA GLU A 444 -10.35 -17.43 -17.38
C GLU A 444 -9.75 -16.08 -16.98
N ARG A 445 -9.98 -15.68 -15.73
CA ARG A 445 -9.48 -14.43 -15.24
C ARG A 445 -7.97 -14.61 -14.93
N GLN A 446 -7.59 -15.80 -14.46
CA GLN A 446 -6.19 -16.09 -14.20
C GLN A 446 -5.38 -15.98 -15.50
N GLU A 447 -5.86 -16.59 -16.58
CA GLU A 447 -5.17 -16.53 -17.88
C GLU A 447 -4.96 -15.11 -18.40
N ILE A 448 -5.93 -14.22 -18.17
CA ILE A 448 -5.84 -12.83 -18.61
C ILE A 448 -4.72 -12.09 -17.89
N TYR A 449 -4.70 -12.17 -16.56
CA TYR A 449 -3.64 -11.47 -15.82
C TYR A 449 -2.26 -12.12 -16.04
N GLU A 450 -2.22 -13.40 -16.39
CA GLU A 450 -0.94 -14.04 -16.74
C GLU A 450 -0.39 -13.44 -18.03
N LYS A 451 -1.26 -13.23 -19.01
CA LYS A 451 -0.82 -12.62 -20.25
C LYS A 451 -0.34 -11.21 -20.02
N ILE A 452 -1.04 -10.47 -19.17
CA ILE A 452 -0.67 -9.09 -18.83
C ILE A 452 0.71 -9.05 -18.21
N GLN A 453 0.96 -9.95 -17.25
CA GLN A 453 2.27 -10.05 -16.59
C GLN A 453 3.32 -10.42 -17.62
N ASN A 454 2.99 -11.36 -18.49
CA ASN A 454 3.90 -11.76 -19.56
C ASN A 454 4.18 -10.65 -20.56
N THR A 455 3.16 -9.88 -20.96
CA THR A 455 3.40 -8.80 -21.94
C THR A 455 4.27 -7.70 -21.34
N ILE A 456 3.98 -7.29 -20.12
CA ILE A 456 4.79 -6.26 -19.45
C ILE A 456 6.26 -6.69 -19.34
N ALA A 457 6.48 -7.95 -18.96
CA ALA A 457 7.84 -8.47 -18.81
C ALA A 457 8.50 -8.59 -20.18
N ASP A 458 7.80 -9.18 -21.15
CA ASP A 458 8.33 -9.30 -22.52
C ASP A 458 8.69 -7.94 -23.13
N ASP A 459 7.89 -6.91 -22.90
CA ASP A 459 8.19 -5.57 -23.46
C ASP A 459 9.12 -4.71 -22.61
N ALA A 460 9.64 -5.31 -21.53
CA ALA A 460 10.50 -4.61 -20.60
C ALA A 460 10.03 -3.19 -20.35
N VAL A 461 8.76 -3.06 -19.96
CA VAL A 461 8.14 -1.77 -19.68
C VAL A 461 8.78 -1.12 -18.46
N ILE A 462 9.08 -1.94 -17.47
CA ILE A 462 9.78 -1.50 -16.26
C ILE A 462 10.81 -2.57 -15.95
N TYR A 463 11.56 -2.38 -14.88
CA TYR A 463 12.49 -3.37 -14.36
C TYR A 463 12.11 -3.59 -12.90
N PRO A 464 11.33 -4.65 -12.60
CA PRO A 464 10.98 -4.92 -11.18
C PRO A 464 12.24 -5.34 -10.44
N ILE A 465 12.61 -4.62 -9.39
CA ILE A 465 13.82 -4.91 -8.67
C ILE A 465 13.59 -5.90 -7.53
N SER A 466 12.75 -5.51 -6.58
CA SER A 466 12.51 -6.36 -5.40
C SER A 466 11.18 -6.17 -4.72
N TYR A 467 10.72 -7.22 -4.03
CA TYR A 467 9.56 -7.14 -3.20
C TYR A 467 10.16 -6.89 -1.85
N ASP A 468 9.88 -5.71 -1.30
CA ASP A 468 10.48 -5.26 -0.05
C ASP A 468 9.79 -5.64 1.26
N ASN A 469 10.58 -5.76 2.31
CA ASN A 469 10.05 -6.05 3.65
C ASN A 469 10.15 -4.80 4.49
N ALA A 470 9.28 -4.69 5.48
CA ALA A 470 9.33 -3.60 6.45
C ALA A 470 9.88 -4.24 7.72
N VAL A 471 10.34 -3.39 8.66
CA VAL A 471 10.93 -3.87 9.92
C VAL A 471 10.38 -3.07 11.10
N LEU A 472 10.01 -3.79 12.15
CA LEU A 472 9.54 -3.20 13.39
C LEU A 472 10.44 -3.61 14.55
N ALA A 473 10.49 -2.74 15.55
CA ALA A 473 11.17 -3.03 16.78
C ALA A 473 10.09 -2.88 17.86
N LEU A 474 9.93 -3.93 18.66
CA LEU A 474 8.93 -3.98 19.73
C LEU A 474 9.61 -4.30 21.06
N ASP A 475 9.46 -3.42 22.05
CA ASP A 475 10.00 -3.59 23.40
C ASP A 475 9.72 -5.05 23.87
N SER A 476 10.79 -5.75 24.26
CA SER A 476 10.73 -7.15 24.66
C SER A 476 9.79 -7.49 25.79
N ARG A 477 9.38 -6.50 26.57
CA ARG A 477 8.41 -6.72 27.63
C ARG A 477 6.97 -6.96 27.08
N TYR A 478 6.75 -6.74 25.78
CA TYR A 478 5.43 -6.90 25.18
C TYR A 478 5.28 -8.21 24.40
N GLY A 479 4.20 -8.94 24.67
CA GLY A 479 3.94 -10.18 23.96
C GLY A 479 2.74 -10.00 23.04
N GLY A 480 2.43 -11.08 22.31
CA GLY A 480 1.28 -11.15 21.41
C GLY A 480 1.44 -10.62 20.01
N GLN A 481 2.68 -10.45 19.55
CA GLN A 481 2.93 -9.92 18.21
C GLN A 481 2.38 -10.84 17.10
N LYS A 482 2.38 -12.15 17.34
CA LYS A 482 1.89 -13.13 16.35
C LYS A 482 0.38 -12.89 16.11
N ALA A 483 -0.34 -12.80 17.21
CA ALA A 483 -1.77 -12.58 17.20
C ALA A 483 -2.15 -11.19 16.71
N ALA A 484 -1.33 -10.18 16.99
CA ALA A 484 -1.64 -8.82 16.53
C ALA A 484 -1.44 -8.68 15.00
N THR A 485 -0.67 -9.60 14.42
CA THR A 485 -0.39 -9.71 12.99
C THR A 485 0.34 -8.52 12.39
N PRO A 486 1.67 -8.63 12.20
CA PRO A 486 2.35 -7.54 11.50
C PRO A 486 1.78 -7.45 10.09
N GLN A 487 1.59 -6.25 9.57
CA GLN A 487 1.06 -6.16 8.21
C GLN A 487 1.52 -4.88 7.55
N PRO A 488 1.41 -4.81 6.21
CA PRO A 488 1.85 -3.62 5.51
C PRO A 488 1.21 -2.34 6.04
N VAL A 489 1.97 -1.24 5.95
CA VAL A 489 1.56 0.11 6.32
C VAL A 489 1.32 0.44 7.82
N THR A 490 0.35 -0.22 8.43
CA THR A 490 -0.09 0.10 9.79
C THR A 490 0.63 -0.57 10.93
N MET A 491 1.70 -1.29 10.63
CA MET A 491 2.51 -2.05 11.61
C MET A 491 1.77 -3.29 12.02
N PHE A 492 0.64 -3.15 12.71
CA PHE A 492 -0.13 -4.30 13.12
C PHE A 492 -1.57 -4.19 12.67
N ARG A 493 -2.22 -5.35 12.61
CA ARG A 493 -3.60 -5.47 12.18
C ARG A 493 -4.49 -5.09 13.34
N ASP A 494 -4.15 -5.60 14.52
CA ASP A 494 -4.96 -5.39 15.69
C ASP A 494 -4.11 -5.32 16.97
N LEU A 495 -3.96 -4.10 17.48
CA LEU A 495 -3.18 -3.82 18.67
C LEU A 495 -3.80 -4.33 19.98
N SER A 496 -5.08 -4.73 19.95
CA SER A 496 -5.76 -5.23 21.15
C SER A 496 -5.21 -6.59 21.60
N LYS A 497 -4.48 -7.26 20.71
CA LYS A 497 -3.82 -8.54 21.02
C LYS A 497 -2.47 -8.39 21.74
N LEU A 498 -1.86 -7.20 21.71
CA LEU A 498 -0.57 -7.01 22.40
C LEU A 498 -0.80 -6.94 23.90
N TYR A 499 0.19 -7.35 24.69
CA TYR A 499 0.04 -7.32 26.14
C TYR A 499 1.36 -7.06 26.81
N LEU A 500 1.32 -6.41 27.97
CA LEU A 500 2.53 -6.07 28.70
C LEU A 500 2.80 -7.09 29.79
N THR A 501 3.99 -7.66 29.77
CA THR A 501 4.46 -8.60 30.78
C THR A 501 5.38 -7.84 31.75
N GLU A 502 4.81 -7.33 32.85
CA GLU A 502 5.61 -6.61 33.84
C GLU A 502 6.03 -7.55 34.98
#